data_3VPL
#
_entry.id   3VPL
#
_cell.length_a   52.343
_cell.length_b   75.437
_cell.length_c   81.646
_cell.angle_alpha   90.000
_cell.angle_beta   90.000
_cell.angle_gamma   90.000
#
_symmetry.space_group_name_H-M   'P 21 21 21'
#
loop_
_entity.id
_entity.type
_entity.pdbx_description
1 polymer 'Beta-1,3-xylanase XYL4'
2 branched beta-D-xylopyranose-(1-3)-beta-D-xylopyranose-(1-3)-2-deoxy-2-fluoro-beta-D-xylopyranose
3 branched beta-D-xylopyranose-(1-4)-beta-D-xylopyranose-(1-3)-2-deoxy-2-fluoro-beta-D-xylopyranose
4 non-polymer 3,4-dinitrophenol
5 water water
#
_entity_poly.entity_id   1
_entity_poly.type   'polypeptide(L)'
_entity_poly.pdbx_seq_one_letter_code
;LDGVLVPESGILVSVGQDVDSVNDYASALGTIPAGVTNYVGIVNLDGLNSDADAGAGRNNIAELANAYPTSALVVGVSMN
GEVDAVASGRYNANIDTLLNTLAGYDRPVYLRWAYEVDGPWNGHSPSGIVTSFQYVHDRIIALGHQAKISLVWQVASYCP
TPGGQLDQWWPGSEYVDWVGLSYFAPQDCNWDRVNEAAQFARSKGKPLFLNESTPQRYQVADLTYSADPAKGTNRQSKTS
QQLWDEWFAPYFQFMSDNSDIVKGFTYINADWDSQWRWAAPYNEGYWGDSRVQANALIKSNWQQEIAKGQYINHSETLFE
TLGYGSTHHHHHH
;
_entity_poly.pdbx_strand_id   A
#
# COMPACT_ATOMS: atom_id res chain seq x y z
N LEU A 1 -12.24 -8.09 -14.43
N LEU A 1 -10.90 -5.85 -13.60
CA LEU A 1 -11.80 -6.80 -15.11
CA LEU A 1 -11.08 -7.10 -14.36
C LEU A 1 -10.58 -6.95 -16.04
C LEU A 1 -10.47 -7.01 -15.74
N ASP A 2 -9.97 -8.15 -16.18
CA ASP A 2 -9.37 -8.40 -17.53
C ASP A 2 -8.37 -7.25 -18.00
N GLY A 3 -7.49 -6.84 -17.08
CA GLY A 3 -6.40 -5.91 -17.35
C GLY A 3 -6.85 -4.42 -17.29
N VAL A 4 -8.12 -4.14 -16.92
CA VAL A 4 -8.57 -2.73 -16.84
C VAL A 4 -7.75 -2.06 -15.70
N LEU A 5 -7.24 -0.88 -15.86
CA LEU A 5 -6.36 -0.12 -14.87
C LEU A 5 -5.15 -0.93 -14.41
N VAL A 6 -4.80 -2.02 -15.08
CA VAL A 6 -3.60 -2.83 -14.79
C VAL A 6 -2.64 -2.61 -15.93
N PRO A 7 -1.46 -2.12 -15.72
CA PRO A 7 -0.53 -1.92 -16.87
C PRO A 7 -0.20 -3.24 -17.53
N GLU A 8 -0.10 -3.14 -18.88
CA GLU A 8 0.25 -4.33 -19.63
C GLU A 8 1.61 -4.85 -19.23
N SER A 9 2.55 -3.95 -19.00
CA SER A 9 3.87 -4.29 -18.54
CA SER A 9 3.84 -4.33 -18.53
C SER A 9 4.32 -3.17 -17.63
N GLY A 10 5.15 -3.48 -16.71
CA GLY A 10 5.72 -2.45 -15.82
C GLY A 10 5.10 -2.49 -14.47
N ILE A 11 5.80 -1.84 -13.56
CA ILE A 11 5.41 -1.84 -12.10
C ILE A 11 5.20 -0.41 -11.73
N LEU A 12 3.96 -0.03 -11.36
CA LEU A 12 3.69 1.30 -10.93
C LEU A 12 4.42 1.65 -9.63
N VAL A 13 5.15 2.76 -9.64
CA VAL A 13 5.83 3.28 -8.46
C VAL A 13 4.95 4.25 -7.78
N SER A 14 4.49 4.00 -6.55
CA SER A 14 3.69 4.94 -5.77
C SER A 14 4.31 5.10 -4.40
N VAL A 15 3.95 6.22 -3.78
CA VAL A 15 4.51 6.57 -2.49
CA VAL A 15 4.51 6.49 -2.46
C VAL A 15 3.36 6.87 -1.51
N GLY A 16 3.62 6.70 -0.22
CA GLY A 16 2.62 6.95 0.81
C GLY A 16 3.25 7.33 2.09
N GLN A 17 2.46 7.55 3.13
CA GLN A 17 1.00 7.32 3.11
C GLN A 17 0.26 8.39 3.88
N ASP A 18 0.78 9.60 3.90
CA ASP A 18 0.10 10.78 4.41
C ASP A 18 0.55 11.94 3.54
N VAL A 19 -0.26 13.01 3.49
CA VAL A 19 0.06 14.13 2.54
C VAL A 19 1.43 14.67 2.79
N ASP A 20 1.78 14.95 4.03
CA ASP A 20 3.03 15.65 4.31
C ASP A 20 4.23 14.83 3.98
N SER A 21 4.23 13.53 4.31
CA SER A 21 5.37 12.68 3.99
C SER A 21 5.49 12.53 2.47
N VAL A 22 4.40 12.47 1.75
CA VAL A 22 4.49 12.36 0.29
C VAL A 22 5.06 13.69 -0.27
N ASN A 23 4.56 14.84 0.24
CA ASN A 23 5.16 16.12 -0.25
C ASN A 23 6.61 16.16 0.05
N ASP A 24 7.08 15.73 1.24
CA ASP A 24 8.47 15.74 1.58
C ASP A 24 9.30 14.88 0.62
N TYR A 25 8.84 13.68 0.31
CA TYR A 25 9.46 12.82 -0.66
C TYR A 25 9.57 13.51 -2.01
N ALA A 26 8.48 14.04 -2.51
CA ALA A 26 8.50 14.63 -3.86
C ALA A 26 9.51 15.80 -3.89
N SER A 27 9.55 16.60 -2.86
CA SER A 27 10.49 17.74 -2.68
CA SER A 27 10.49 17.69 -2.92
C SER A 27 11.89 17.24 -2.66
N ALA A 28 12.17 16.32 -1.79
CA ALA A 28 13.57 15.85 -1.60
C ALA A 28 14.06 15.12 -2.77
N LEU A 29 13.33 14.35 -3.49
CA LEU A 29 13.75 13.62 -4.63
C LEU A 29 13.62 14.41 -5.94
N GLY A 30 12.98 15.53 -5.88
CA GLY A 30 12.80 16.37 -7.09
C GLY A 30 12.05 15.62 -8.09
N THR A 31 10.88 14.99 -7.72
CA THR A 31 10.14 14.18 -8.63
C THR A 31 8.64 14.30 -8.36
N ILE A 32 7.82 14.10 -9.35
CA ILE A 32 6.39 13.94 -9.16
C ILE A 32 6.12 12.44 -9.09
N PRO A 33 5.63 11.90 -7.95
CA PRO A 33 5.40 10.47 -7.89
C PRO A 33 4.30 10.03 -8.88
N ALA A 34 4.42 8.86 -9.43
CA ALA A 34 3.41 8.33 -10.35
C ALA A 34 2.08 8.05 -9.66
N GLY A 35 2.16 7.69 -8.36
CA GLY A 35 0.96 7.42 -7.54
C GLY A 35 1.22 7.91 -6.14
N VAL A 36 0.15 8.36 -5.51
CA VAL A 36 0.21 8.89 -4.16
C VAL A 36 -0.92 8.26 -3.35
N THR A 37 -0.69 8.12 -2.03
CA THR A 37 -1.52 7.25 -1.20
C THR A 37 -1.99 7.94 0.08
N ASN A 38 -3.27 7.83 0.38
CA ASN A 38 -3.86 8.27 1.64
C ASN A 38 -4.88 7.24 2.11
N TYR A 39 -5.43 7.49 3.28
CA TYR A 39 -6.44 6.63 3.92
C TYR A 39 -7.69 7.39 4.27
N VAL A 40 -8.80 6.71 4.20
CA VAL A 40 -10.09 7.26 4.72
CA VAL A 40 -10.19 7.23 4.53
C VAL A 40 -10.83 6.19 5.41
N GLY A 41 -11.66 6.56 6.38
CA GLY A 41 -12.55 5.62 7.03
C GLY A 41 -13.93 5.61 6.48
N ILE A 42 -14.56 4.50 6.32
CA ILE A 42 -15.90 4.52 5.71
C ILE A 42 -16.98 5.04 6.64
N VAL A 43 -16.81 4.97 7.92
CA VAL A 43 -17.86 5.40 8.85
C VAL A 43 -18.06 6.88 8.80
N ASN A 44 -17.02 7.68 8.79
CA ASN A 44 -17.09 9.14 8.79
C ASN A 44 -16.62 9.74 7.52
N LEU A 45 -16.05 8.98 6.56
CA LEU A 45 -15.35 9.60 5.44
C LEU A 45 -14.27 10.54 5.87
N ASP A 46 -13.68 10.30 7.04
CA ASP A 46 -12.58 11.10 7.54
C ASP A 46 -11.40 11.01 6.63
N GLY A 47 -10.91 12.12 6.19
CA GLY A 47 -9.76 12.24 5.30
C GLY A 47 -10.12 12.37 3.86
N LEU A 48 -11.39 12.27 3.52
CA LEU A 48 -11.79 12.36 2.09
C LEU A 48 -11.78 13.81 1.62
N ASN A 49 -12.56 14.65 2.29
CA ASN A 49 -12.79 16.07 1.82
C ASN A 49 -12.16 17.02 2.74
N SER A 50 -11.48 16.67 3.82
CA SER A 50 -10.83 17.60 4.71
C SER A 50 -9.82 16.83 5.55
N ASP A 51 -9.04 17.51 6.31
CA ASP A 51 -7.94 16.88 7.06
C ASP A 51 -8.43 15.92 8.06
N ALA A 52 -7.71 14.79 8.15
CA ALA A 52 -7.91 13.84 9.27
C ALA A 52 -6.54 13.46 9.71
N ASP A 53 -6.17 13.79 10.90
CA ASP A 53 -4.84 13.44 11.47
C ASP A 53 -5.09 12.77 12.75
N ALA A 54 -4.90 11.47 12.84
CA ALA A 54 -5.10 10.69 14.03
C ALA A 54 -3.77 9.93 14.33
N GLY A 55 -2.69 10.57 14.21
CA GLY A 55 -1.44 10.04 14.69
C GLY A 55 -0.69 9.21 13.72
N ALA A 56 -1.16 9.06 12.47
CA ALA A 56 -0.50 8.28 11.43
C ALA A 56 -0.21 9.16 10.22
N GLY A 57 -0.08 10.47 10.46
CA GLY A 57 0.12 11.39 9.38
C GLY A 57 -1.22 11.95 8.92
N ARG A 58 -1.19 13.14 8.36
CA ARG A 58 -2.40 13.81 7.89
C ARG A 58 -2.93 13.26 6.59
N ASN A 59 -4.19 12.98 6.51
CA ASN A 59 -4.87 12.52 5.34
C ASN A 59 -5.81 13.59 4.83
N ASN A 60 -5.83 13.82 3.55
CA ASN A 60 -6.78 14.80 2.93
C ASN A 60 -6.76 14.52 1.44
N ILE A 61 -7.65 13.69 0.96
CA ILE A 61 -7.61 13.25 -0.41
C ILE A 61 -7.89 14.44 -1.33
N ALA A 62 -8.78 15.38 -0.93
CA ALA A 62 -9.01 16.53 -1.81
C ALA A 62 -7.71 17.31 -1.99
N GLU A 63 -6.98 17.57 -0.92
CA GLU A 63 -5.71 18.26 -1.07
C GLU A 63 -4.72 17.47 -1.87
N LEU A 64 -4.59 16.15 -1.58
CA LEU A 64 -3.67 15.31 -2.30
C LEU A 64 -3.95 15.30 -3.79
N ALA A 65 -5.20 15.11 -4.13
CA ALA A 65 -5.59 15.07 -5.55
C ALA A 65 -5.33 16.37 -6.25
N ASN A 66 -5.49 17.49 -5.58
CA ASN A 66 -5.14 18.81 -6.22
CA ASN A 66 -5.16 18.76 -6.27
C ASN A 66 -3.69 18.99 -6.30
N ALA A 67 -2.88 18.50 -5.36
CA ALA A 67 -1.41 18.66 -5.41
C ALA A 67 -0.79 17.76 -6.43
N TYR A 68 -1.40 16.65 -6.80
CA TYR A 68 -0.81 15.67 -7.76
C TYR A 68 -1.84 15.32 -8.78
N PRO A 69 -2.19 16.33 -9.69
CA PRO A 69 -3.36 16.14 -10.54
C PRO A 69 -3.14 15.15 -11.68
N THR A 70 -1.89 14.82 -11.93
CA THR A 70 -1.68 13.88 -13.00
C THR A 70 -0.94 12.62 -12.49
N SER A 71 -1.25 12.27 -11.23
CA SER A 71 -0.73 11.02 -10.60
C SER A 71 -1.92 10.13 -10.27
N ALA A 72 -1.66 8.83 -10.29
CA ALA A 72 -2.72 7.92 -9.79
C ALA A 72 -2.96 8.14 -8.30
N LEU A 73 -4.23 8.00 -7.84
N LEU A 73 -4.14 7.78 -7.89
CA LEU A 73 -4.60 7.96 -6.42
CA LEU A 73 -4.51 8.01 -6.51
C LEU A 73 -4.67 6.53 -5.97
C LEU A 73 -4.82 6.65 -5.89
N VAL A 74 -4.12 6.34 -4.80
CA VAL A 74 -4.23 5.01 -4.10
C VAL A 74 -4.86 5.30 -2.74
N VAL A 75 -5.96 4.61 -2.42
CA VAL A 75 -6.72 4.96 -1.24
C VAL A 75 -6.99 3.72 -0.42
N GLY A 76 -6.56 3.73 0.81
CA GLY A 76 -6.95 2.66 1.76
C GLY A 76 -8.26 3.03 2.42
N VAL A 77 -9.22 2.15 2.43
CA VAL A 77 -10.51 2.42 3.08
C VAL A 77 -10.67 1.50 4.29
N SER A 78 -10.68 2.10 5.46
CA SER A 78 -10.86 1.34 6.69
C SER A 78 -12.32 1.09 6.93
N MET A 79 -12.68 -0.07 7.45
CA MET A 79 -14.03 -0.37 7.91
C MET A 79 -14.30 0.13 9.33
N ASN A 80 -13.19 0.69 10.00
CA ASN A 80 -13.39 1.28 11.36
C ASN A 80 -14.03 0.25 12.27
N GLY A 81 -13.73 -1.00 12.15
CA GLY A 81 -14.24 -2.05 13.06
C GLY A 81 -15.67 -2.41 12.78
N GLU A 82 -16.27 -1.95 11.67
CA GLU A 82 -17.73 -2.10 11.44
C GLU A 82 -18.02 -2.83 10.18
N VAL A 83 -17.22 -3.74 9.72
CA VAL A 83 -17.47 -4.35 8.42
C VAL A 83 -18.85 -5.02 8.39
N ASP A 84 -19.32 -5.61 9.51
CA ASP A 84 -20.65 -6.25 9.40
C ASP A 84 -21.72 -5.22 9.19
N ALA A 85 -21.67 -4.11 9.85
CA ALA A 85 -22.68 -3.02 9.59
C ALA A 85 -22.52 -2.50 8.17
N VAL A 86 -21.28 -2.41 7.67
CA VAL A 86 -21.06 -2.00 6.29
C VAL A 86 -21.73 -3.02 5.38
N ALA A 87 -21.53 -4.30 5.58
CA ALA A 87 -22.12 -5.35 4.74
C ALA A 87 -23.66 -5.31 4.82
N SER A 88 -24.19 -4.89 5.91
CA SER A 88 -25.67 -4.83 6.04
CA SER A 88 -25.65 -4.77 6.14
C SER A 88 -26.20 -3.53 5.48
N GLY A 89 -25.40 -2.61 4.97
CA GLY A 89 -25.89 -1.45 4.24
C GLY A 89 -25.93 -0.20 5.03
N ARG A 90 -25.51 -0.11 6.27
CA ARG A 90 -25.65 1.05 7.09
C ARG A 90 -24.85 2.24 6.62
N TYR A 91 -23.82 2.00 5.79
CA TYR A 91 -22.94 3.02 5.30
C TYR A 91 -23.04 3.17 3.79
N ASN A 92 -24.15 2.69 3.18
CA ASN A 92 -24.21 2.75 1.71
C ASN A 92 -24.19 4.14 1.15
N ALA A 93 -24.78 5.13 1.85
CA ALA A 93 -24.66 6.49 1.29
C ALA A 93 -23.22 6.92 1.25
N ASN A 94 -22.45 6.60 2.31
CA ASN A 94 -21.04 6.94 2.35
C ASN A 94 -20.25 6.25 1.23
N ILE A 95 -20.57 4.98 0.96
CA ILE A 95 -19.88 4.29 -0.14
C ILE A 95 -20.09 5.02 -1.44
N ASP A 96 -21.38 5.40 -1.71
CA ASP A 96 -21.61 6.14 -2.96
C ASP A 96 -20.87 7.43 -3.03
N THR A 97 -20.84 8.20 -1.94
CA THR A 97 -20.12 9.42 -1.96
C THR A 97 -18.63 9.21 -2.17
N LEU A 98 -18.06 8.19 -1.50
CA LEU A 98 -16.63 7.87 -1.68
C LEU A 98 -16.39 7.56 -3.18
N LEU A 99 -17.17 6.69 -3.74
CA LEU A 99 -16.92 6.27 -5.12
C LEU A 99 -17.14 7.46 -6.08
N ASN A 100 -18.23 8.20 -5.91
CA ASN A 100 -18.46 9.36 -6.81
C ASN A 100 -17.42 10.37 -6.67
N THR A 101 -16.94 10.64 -5.46
CA THR A 101 -15.89 11.64 -5.24
C THR A 101 -14.61 11.20 -5.95
N LEU A 102 -14.22 9.90 -5.74
CA LEU A 102 -12.99 9.47 -6.37
C LEU A 102 -13.12 9.49 -7.85
N ALA A 103 -14.22 9.07 -8.39
CA ALA A 103 -14.41 9.11 -9.88
C ALA A 103 -14.42 10.55 -10.39
N GLY A 104 -14.75 11.50 -9.63
CA GLY A 104 -14.77 12.92 -10.07
C GLY A 104 -13.39 13.41 -10.24
N TYR A 105 -12.32 12.74 -9.83
CA TYR A 105 -10.95 13.16 -10.08
C TYR A 105 -10.47 12.72 -11.45
N ASP A 106 -11.21 11.94 -12.18
CA ASP A 106 -10.85 11.63 -13.60
C ASP A 106 -9.48 11.18 -13.74
N ARG A 107 -9.14 10.10 -12.98
CA ARG A 107 -7.73 9.57 -13.03
C ARG A 107 -7.78 8.15 -12.49
N PRO A 108 -6.75 7.37 -12.68
CA PRO A 108 -6.73 5.99 -12.12
C PRO A 108 -6.77 6.09 -10.57
N VAL A 109 -7.68 5.30 -10.03
CA VAL A 109 -7.82 5.17 -8.56
C VAL A 109 -7.72 3.70 -8.22
N TYR A 110 -6.86 3.38 -7.25
CA TYR A 110 -6.68 2.02 -6.75
C TYR A 110 -7.24 1.99 -5.33
N LEU A 111 -8.35 1.30 -5.16
CA LEU A 111 -9.16 1.36 -3.91
C LEU A 111 -8.91 0.11 -3.11
N ARG A 112 -8.18 0.24 -1.99
CA ARG A 112 -7.88 -0.92 -1.13
C ARG A 112 -8.99 -0.99 -0.11
N TRP A 113 -10.08 -1.64 -0.46
CA TRP A 113 -11.27 -1.74 0.37
C TRP A 113 -11.00 -2.65 1.58
N ALA A 114 -11.18 -2.16 2.79
CA ALA A 114 -10.99 -3.01 4.00
C ALA A 114 -9.56 -3.61 4.04
N TYR A 115 -8.60 -2.77 3.73
CA TYR A 115 -7.21 -3.22 3.55
C TYR A 115 -6.73 -4.04 4.74
N GLU A 116 -5.87 -5.01 4.42
CA GLU A 116 -5.43 -6.01 5.42
C GLU A 116 -6.64 -6.81 5.88
N VAL A 117 -7.26 -7.46 4.90
CA VAL A 117 -8.57 -8.09 5.12
C VAL A 117 -8.54 -9.14 6.17
N ASP A 118 -7.37 -9.81 6.27
CA ASP A 118 -7.16 -10.94 7.17
C ASP A 118 -6.32 -10.53 8.34
N GLY A 119 -6.13 -9.28 8.64
CA GLY A 119 -5.46 -8.86 9.88
C GLY A 119 -6.47 -8.89 10.98
N PRO A 120 -6.32 -9.80 11.99
CA PRO A 120 -7.44 -9.97 12.97
C PRO A 120 -7.77 -8.71 13.70
N TRP A 121 -6.85 -7.82 13.87
CA TRP A 121 -7.05 -6.59 14.56
C TRP A 121 -8.10 -5.71 13.89
N ASN A 122 -8.38 -5.92 12.60
CA ASN A 122 -9.41 -5.14 11.91
C ASN A 122 -10.79 -5.56 12.21
N GLY A 123 -10.97 -6.64 12.97
CA GLY A 123 -12.32 -7.08 13.46
C GLY A 123 -13.15 -7.64 12.38
N HIS A 124 -12.66 -7.99 11.22
CA HIS A 124 -13.48 -8.41 10.10
C HIS A 124 -14.08 -9.77 10.29
N SER A 125 -15.26 -10.01 9.75
CA SER A 125 -15.78 -11.37 9.53
C SER A 125 -15.51 -11.73 8.13
N PRO A 126 -15.28 -13.01 7.79
CA PRO A 126 -15.17 -13.42 6.41
C PRO A 126 -16.40 -13.03 5.63
N SER A 127 -17.58 -13.25 6.14
CA SER A 127 -18.83 -12.91 5.46
CA SER A 127 -18.75 -12.97 5.36
C SER A 127 -18.89 -11.44 5.13
N GLY A 128 -18.55 -10.60 6.09
CA GLY A 128 -18.62 -9.18 5.84
C GLY A 128 -17.65 -8.73 4.78
N ILE A 129 -16.47 -9.32 4.73
CA ILE A 129 -15.53 -9.00 3.66
C ILE A 129 -16.02 -9.48 2.34
N VAL A 130 -16.47 -10.73 2.27
CA VAL A 130 -16.93 -11.25 0.95
C VAL A 130 -18.12 -10.44 0.48
N THR A 131 -19.09 -10.20 1.31
CA THR A 131 -20.29 -9.44 0.88
C THR A 131 -19.94 -8.05 0.48
N SER A 132 -19.10 -7.34 1.27
CA SER A 132 -18.85 -5.96 0.96
C SER A 132 -18.00 -5.83 -0.28
N PHE A 133 -17.03 -6.70 -0.57
CA PHE A 133 -16.32 -6.63 -1.85
C PHE A 133 -17.27 -6.80 -3.01
N GLN A 134 -18.19 -7.77 -2.93
CA GLN A 134 -19.24 -7.93 -3.97
CA GLN A 134 -19.14 -7.90 -4.04
C GLN A 134 -20.01 -6.64 -4.18
N TYR A 135 -20.48 -6.11 -3.05
CA TYR A 135 -21.30 -4.89 -3.15
C TYR A 135 -20.52 -3.78 -3.77
N VAL A 136 -19.28 -3.49 -3.33
CA VAL A 136 -18.54 -2.37 -3.85
C VAL A 136 -18.16 -2.60 -5.30
N HIS A 137 -17.70 -3.78 -5.68
CA HIS A 137 -17.30 -4.01 -7.10
CA HIS A 137 -17.41 -4.03 -7.09
C HIS A 137 -18.56 -3.80 -7.94
N ASP A 138 -19.73 -4.29 -7.56
CA ASP A 138 -20.93 -4.08 -8.33
C ASP A 138 -21.32 -2.64 -8.30
N ARG A 139 -21.20 -1.89 -7.22
CA ARG A 139 -21.63 -0.52 -7.14
C ARG A 139 -20.77 0.34 -8.04
N ILE A 140 -19.50 0.10 -8.13
CA ILE A 140 -18.62 0.80 -9.07
C ILE A 140 -19.21 0.70 -10.50
N ILE A 141 -19.61 -0.50 -10.87
CA ILE A 141 -20.26 -0.65 -12.23
C ILE A 141 -21.57 0.09 -12.24
N ALA A 142 -22.42 0.02 -11.22
CA ALA A 142 -23.75 0.63 -11.29
C ALA A 142 -23.60 2.07 -11.40
N LEU A 143 -22.63 2.74 -10.75
CA LEU A 143 -22.44 4.15 -10.79
C LEU A 143 -21.69 4.60 -12.08
N GLY A 144 -21.23 3.71 -12.85
CA GLY A 144 -20.56 4.04 -14.11
C GLY A 144 -19.10 4.37 -13.97
N HIS A 145 -18.39 3.90 -12.90
CA HIS A 145 -17.02 4.28 -12.59
C HIS A 145 -16.01 3.21 -12.83
N GLN A 146 -16.36 2.14 -13.54
CA GLN A 146 -15.43 1.00 -13.68
C GLN A 146 -14.19 1.23 -14.54
N ALA A 147 -14.23 2.31 -15.33
CA ALA A 147 -13.00 2.70 -16.07
C ALA A 147 -12.00 3.47 -15.21
N LYS A 148 -12.46 3.89 -14.00
CA LYS A 148 -11.68 4.77 -13.17
C LYS A 148 -11.23 4.10 -11.85
N ILE A 149 -12.01 3.22 -11.27
CA ILE A 149 -11.72 2.75 -9.91
C ILE A 149 -11.45 1.27 -9.98
N SER A 150 -10.24 0.88 -9.55
CA SER A 150 -9.79 -0.50 -9.56
C SER A 150 -9.79 -1.06 -8.12
N LEU A 151 -10.43 -2.19 -7.88
CA LEU A 151 -10.68 -2.63 -6.50
C LEU A 151 -9.58 -3.64 -6.11
N VAL A 152 -8.86 -3.31 -5.05
CA VAL A 152 -7.73 -4.11 -4.55
C VAL A 152 -8.15 -4.84 -3.28
N TRP A 153 -7.96 -6.16 -3.26
CA TRP A 153 -8.17 -7.02 -2.09
C TRP A 153 -6.79 -7.24 -1.47
N GLN A 154 -6.50 -6.51 -0.39
CA GLN A 154 -5.12 -6.52 0.17
C GLN A 154 -5.10 -7.28 1.44
N VAL A 155 -4.24 -8.29 1.48
CA VAL A 155 -3.99 -9.07 2.72
C VAL A 155 -2.91 -8.41 3.54
N ALA A 156 -2.80 -8.89 4.78
CA ALA A 156 -1.79 -8.34 5.68
C ALA A 156 -0.43 -9.00 5.59
N SER A 157 -0.36 -10.21 5.07
CA SER A 157 0.87 -10.99 4.93
C SER A 157 1.81 -10.76 6.11
N TYR A 158 1.32 -11.14 7.28
CA TYR A 158 1.98 -10.79 8.55
C TYR A 158 2.36 -12.13 9.21
N CYS A 159 3.66 -12.30 9.45
CA CYS A 159 4.15 -13.63 9.92
C CYS A 159 3.49 -14.21 11.12
N PRO A 160 3.13 -13.42 12.14
CA PRO A 160 2.45 -14.06 13.30
C PRO A 160 1.09 -14.59 12.97
N THR A 161 0.42 -14.26 11.90
CA THR A 161 -0.86 -14.89 11.56
C THR A 161 -0.54 -16.12 10.75
N PRO A 162 -1.01 -17.30 11.15
CA PRO A 162 -0.65 -18.54 10.42
C PRO A 162 -1.06 -18.50 8.98
N GLY A 163 -0.25 -19.19 8.17
CA GLY A 163 -0.52 -19.34 6.76
C GLY A 163 -1.68 -20.30 6.49
N GLY A 164 -2.11 -20.34 5.23
CA GLY A 164 -3.03 -21.36 4.75
C GLY A 164 -4.46 -20.98 5.01
N GLN A 165 -4.76 -19.71 5.38
CA GLN A 165 -6.11 -19.32 5.76
C GLN A 165 -6.71 -18.24 4.84
N LEU A 166 -6.23 -18.08 3.62
CA LEU A 166 -6.64 -16.95 2.78
C LEU A 166 -7.99 -17.20 2.17
N ASP A 167 -8.35 -18.46 1.85
CA ASP A 167 -9.56 -18.70 1.04
C ASP A 167 -10.81 -18.14 1.66
N GLN A 168 -10.97 -18.21 2.98
CA GLN A 168 -12.20 -17.77 3.64
C GLN A 168 -12.46 -16.28 3.34
N TRP A 169 -11.40 -15.46 3.06
CA TRP A 169 -11.53 -14.03 2.85
C TRP A 169 -11.78 -13.69 1.41
N TRP A 170 -11.71 -14.64 0.48
CA TRP A 170 -11.71 -14.32 -0.95
C TRP A 170 -13.10 -14.15 -1.46
N PRO A 171 -13.51 -13.07 -2.10
N PRO A 171 -13.41 -13.03 -2.10
CA PRO A 171 -14.94 -12.94 -2.47
CA PRO A 171 -14.75 -12.70 -2.62
C PRO A 171 -15.22 -13.59 -3.79
C PRO A 171 -15.15 -13.35 -3.95
N GLY A 172 -14.22 -13.98 -4.59
CA GLY A 172 -14.42 -14.43 -6.00
C GLY A 172 -13.70 -13.51 -6.92
N SER A 173 -13.10 -14.12 -8.00
CA SER A 173 -12.36 -13.38 -8.95
C SER A 173 -13.12 -12.31 -9.67
N GLU A 174 -14.45 -12.48 -9.80
CA GLU A 174 -15.22 -11.50 -10.51
C GLU A 174 -15.31 -10.19 -9.77
N TYR A 175 -14.97 -10.19 -8.49
CA TYR A 175 -15.16 -9.00 -7.63
C TYR A 175 -13.87 -8.35 -7.21
N VAL A 176 -12.73 -8.78 -7.81
CA VAL A 176 -11.40 -8.31 -7.35
C VAL A 176 -10.58 -7.97 -8.56
N ASP A 177 -10.00 -6.79 -8.64
CA ASP A 177 -9.13 -6.45 -9.75
C ASP A 177 -7.72 -6.71 -9.49
N TRP A 178 -7.21 -6.47 -8.25
CA TRP A 178 -5.85 -6.73 -7.81
C TRP A 178 -5.87 -7.47 -6.52
N VAL A 179 -4.87 -8.27 -6.26
CA VAL A 179 -4.52 -8.69 -4.90
C VAL A 179 -3.39 -7.80 -4.39
N GLY A 180 -3.45 -7.45 -3.11
CA GLY A 180 -2.42 -6.67 -2.50
C GLY A 180 -1.80 -7.35 -1.31
N LEU A 181 -0.62 -6.91 -0.89
CA LEU A 181 0.01 -7.42 0.33
C LEU A 181 0.77 -6.31 1.04
N SER A 182 1.23 -6.62 2.25
CA SER A 182 2.07 -5.77 3.08
C SER A 182 3.45 -6.36 3.26
N TYR A 183 4.48 -5.60 2.91
CA TYR A 183 5.90 -6.03 2.91
C TYR A 183 6.64 -5.16 3.92
N PHE A 184 6.83 -5.73 5.09
CA PHE A 184 7.44 -4.99 6.23
C PHE A 184 8.65 -5.79 6.78
N ALA A 185 8.37 -6.88 7.48
CA ALA A 185 9.44 -7.70 8.10
C ALA A 185 9.25 -9.15 7.66
N PRO A 186 9.20 -9.39 6.31
CA PRO A 186 8.97 -10.78 5.85
C PRO A 186 10.10 -11.72 6.25
N GLN A 187 11.24 -11.22 6.52
CA GLN A 187 12.37 -12.06 7.01
C GLN A 187 12.02 -12.70 8.29
N ASP A 188 11.09 -12.30 9.10
CA ASP A 188 10.75 -12.91 10.35
C ASP A 188 10.22 -14.30 10.13
N CYS A 189 9.74 -14.68 8.96
CA CYS A 189 9.27 -16.02 8.68
C CYS A 189 9.75 -16.45 7.29
N ASN A 190 10.97 -16.05 6.98
CA ASN A 190 11.51 -16.59 5.74
CA ASN A 190 11.67 -16.42 5.72
C ASN A 190 10.77 -16.23 4.47
N TRP A 191 10.09 -15.07 4.45
CA TRP A 191 9.28 -14.64 3.34
C TRP A 191 8.07 -15.51 3.16
N ASP A 192 7.71 -16.36 4.08
CA ASP A 192 6.60 -17.29 3.81
C ASP A 192 5.29 -16.62 3.56
N ARG A 193 4.95 -15.58 4.35
CA ARG A 193 3.60 -14.92 4.17
CA ARG A 193 3.63 -15.06 4.28
C ARG A 193 3.46 -14.16 2.97
N VAL A 194 4.47 -13.39 2.62
CA VAL A 194 4.44 -12.62 1.40
C VAL A 194 4.47 -13.57 0.18
N ASN A 195 5.24 -14.65 0.27
CA ASN A 195 5.20 -15.65 -0.84
C ASN A 195 3.88 -16.30 -0.94
N GLU A 196 3.21 -16.62 0.17
CA GLU A 196 1.93 -17.20 0.04
CA GLU A 196 1.89 -17.23 0.06
C GLU A 196 0.90 -16.28 -0.58
N ALA A 197 0.98 -14.99 -0.24
CA ALA A 197 0.08 -13.99 -0.85
C ALA A 197 0.31 -13.88 -2.35
N ALA A 198 1.57 -13.82 -2.75
CA ALA A 198 1.93 -13.77 -4.15
C ALA A 198 1.42 -15.03 -4.88
N GLN A 199 1.62 -16.20 -4.30
CA GLN A 199 1.17 -17.38 -5.03
CA GLN A 199 1.13 -17.49 -4.85
C GLN A 199 -0.34 -17.41 -5.05
N PHE A 200 -1.07 -16.87 -4.06
CA PHE A 200 -2.53 -16.78 -4.13
C PHE A 200 -2.95 -15.90 -5.28
N ALA A 201 -2.39 -14.71 -5.38
CA ALA A 201 -2.69 -13.83 -6.48
C ALA A 201 -2.46 -14.53 -7.82
N ARG A 202 -1.28 -15.16 -7.92
CA ARG A 202 -0.94 -15.88 -9.16
C ARG A 202 -1.97 -16.93 -9.50
N SER A 203 -2.39 -17.72 -8.55
CA SER A 203 -3.33 -18.81 -8.78
CA SER A 203 -3.35 -18.79 -8.79
C SER A 203 -4.65 -18.28 -9.24
N LYS A 204 -5.08 -17.08 -8.77
CA LYS A 204 -6.35 -16.49 -9.16
C LYS A 204 -6.21 -15.73 -10.44
N GLY A 205 -5.04 -15.55 -11.04
CA GLY A 205 -4.86 -14.73 -12.21
C GLY A 205 -4.99 -13.25 -12.01
N LYS A 206 -4.57 -12.77 -10.82
CA LYS A 206 -4.67 -11.34 -10.52
C LYS A 206 -3.29 -10.73 -10.46
N PRO A 207 -3.13 -9.49 -10.85
CA PRO A 207 -1.90 -8.79 -10.58
C PRO A 207 -1.74 -8.52 -9.10
N LEU A 208 -0.52 -8.29 -8.66
CA LEU A 208 -0.15 -8.08 -7.25
C LEU A 208 0.34 -6.67 -7.07
N PHE A 209 -0.18 -6.01 -6.02
CA PHE A 209 0.21 -4.69 -5.62
C PHE A 209 0.84 -4.78 -4.23
N LEU A 210 2.08 -4.31 -4.01
CA LEU A 210 2.63 -4.28 -2.66
CA LEU A 210 2.67 -4.28 -2.70
C LEU A 210 2.18 -2.99 -2.00
N ASN A 211 0.97 -3.01 -1.46
CA ASN A 211 0.27 -1.78 -1.05
C ASN A 211 0.84 -1.10 0.18
N GLU A 212 1.54 -1.84 1.03
CA GLU A 212 2.21 -1.23 2.19
C GLU A 212 3.62 -1.77 2.20
N SER A 213 4.61 -0.94 2.19
CA SER A 213 5.96 -1.51 2.38
CA SER A 213 6.03 -1.37 2.11
C SER A 213 6.84 -0.47 3.00
N THR A 214 7.72 -0.96 3.86
CA THR A 214 8.66 -0.10 4.56
C THR A 214 9.71 -1.01 5.20
N PRO A 215 10.92 -0.48 5.40
CA PRO A 215 11.98 -1.21 6.14
C PRO A 215 11.67 -1.19 7.62
N GLN A 216 10.66 -1.95 8.01
CA GLN A 216 10.16 -1.88 9.36
C GLN A 216 11.25 -2.25 10.36
N ARG A 217 11.33 -1.44 11.44
CA ARG A 217 12.33 -1.60 12.55
C ARG A 217 13.67 -1.04 12.14
N TYR A 218 13.84 -0.53 10.95
CA TYR A 218 15.06 0.20 10.60
C TYR A 218 14.81 1.67 10.72
N GLN A 219 15.89 2.42 10.99
CA GLN A 219 15.92 3.87 11.03
C GLN A 219 16.87 4.34 9.96
N VAL A 220 16.47 5.02 8.92
CA VAL A 220 17.38 5.48 7.88
C VAL A 220 18.24 6.58 8.37
N ALA A 221 17.73 7.61 8.97
CA ALA A 221 18.59 8.75 9.44
C ALA A 221 19.58 8.22 10.43
N ASP A 222 19.17 7.44 11.42
CA ASP A 222 20.05 6.96 12.48
C ASP A 222 20.91 5.85 12.06
N LEU A 223 20.56 5.11 11.04
CA LEU A 223 21.24 3.91 10.61
C LEU A 223 21.23 2.88 11.70
N THR A 224 20.05 2.45 12.12
CA THR A 224 19.93 1.39 13.11
C THR A 224 18.86 0.35 12.72
N TYR A 225 18.91 -0.78 13.36
CA TYR A 225 17.92 -1.85 13.26
C TYR A 225 17.59 -2.39 14.59
N SER A 226 16.37 -2.74 14.84
CA SER A 226 16.02 -3.50 16.08
C SER A 226 15.30 -4.77 15.70
N ALA A 227 15.60 -5.85 16.47
CA ALA A 227 14.87 -7.11 16.38
C ALA A 227 13.62 -7.13 17.22
N ASP A 228 13.35 -6.04 17.95
CA ASP A 228 12.23 -6.00 18.91
C ASP A 228 11.06 -5.33 18.25
N PRO A 229 10.01 -6.12 17.85
CA PRO A 229 8.90 -5.49 17.15
C PRO A 229 8.00 -4.66 18.00
N ALA A 230 8.01 -4.84 19.31
CA ALA A 230 7.12 -4.16 20.17
C ALA A 230 7.66 -2.80 20.59
N LYS A 231 8.91 -2.71 20.95
CA LYS A 231 9.48 -1.51 21.55
C LYS A 231 10.76 -1.03 20.94
N GLY A 232 11.29 -1.70 19.92
CA GLY A 232 12.48 -1.16 19.29
C GLY A 232 13.71 -1.07 20.13
N THR A 233 13.81 -1.94 21.14
CA THR A 233 14.98 -1.88 22.04
C THR A 233 16.18 -2.54 21.41
N ASN A 234 17.36 -2.32 22.07
CA ASN A 234 18.64 -2.87 21.72
CA ASN A 234 18.56 -3.12 21.65
C ASN A 234 18.95 -2.75 20.23
N ARG A 235 18.80 -1.50 19.82
CA ARG A 235 19.06 -1.11 18.44
C ARG A 235 20.50 -1.36 18.09
N GLN A 236 20.74 -1.84 16.90
CA GLN A 236 22.04 -2.26 16.34
CA GLN A 236 22.13 -2.04 16.46
C GLN A 236 22.44 -1.24 15.29
N SER A 237 23.67 -0.72 15.28
CA SER A 237 24.07 0.16 14.23
CA SER A 237 24.12 0.12 14.18
CA SER A 237 24.16 0.08 14.18
C SER A 237 24.26 -0.69 12.92
N LYS A 238 23.95 -0.03 11.81
CA LYS A 238 24.10 -0.63 10.49
C LYS A 238 24.81 0.37 9.65
N THR A 239 25.61 -0.07 8.67
CA THR A 239 26.07 0.82 7.68
C THR A 239 24.95 1.12 6.68
N SER A 240 25.08 2.17 5.90
CA SER A 240 23.99 2.38 4.96
CA SER A 240 24.11 2.51 4.83
C SER A 240 23.97 1.32 3.90
N GLN A 241 25.13 0.78 3.46
CA GLN A 241 25.03 -0.37 2.55
C GLN A 241 24.40 -1.56 3.17
N GLN A 242 24.61 -1.83 4.45
CA GLN A 242 23.95 -2.95 5.09
C GLN A 242 22.40 -2.74 5.08
N LEU A 243 21.96 -1.53 5.39
CA LEU A 243 20.57 -1.36 5.45
CA LEU A 243 20.49 -1.21 5.30
C LEU A 243 19.99 -1.55 3.97
N TRP A 244 20.67 -1.07 2.93
CA TRP A 244 20.25 -1.34 1.57
C TRP A 244 20.19 -2.78 1.33
N ASP A 245 21.25 -3.55 1.68
CA ASP A 245 21.30 -4.99 1.34
C ASP A 245 20.40 -5.85 2.13
N GLU A 246 20.07 -5.46 3.36
CA GLU A 246 19.24 -6.25 4.20
C GLU A 246 17.74 -6.10 3.83
N TRP A 247 17.32 -4.89 3.52
CA TRP A 247 15.85 -4.69 3.26
C TRP A 247 15.55 -4.29 1.81
N PHE A 248 16.24 -3.30 1.28
CA PHE A 248 15.88 -2.80 -0.04
C PHE A 248 16.20 -3.76 -1.13
N ALA A 249 17.41 -4.35 -1.14
CA ALA A 249 17.71 -5.31 -2.27
C ALA A 249 16.76 -6.48 -2.24
N PRO A 250 16.46 -7.13 -1.13
CA PRO A 250 15.49 -8.22 -1.18
C PRO A 250 14.09 -7.76 -1.61
N TYR A 251 13.69 -6.56 -1.25
CA TYR A 251 12.37 -6.01 -1.64
C TYR A 251 12.30 -5.96 -3.15
N PHE A 252 13.29 -5.37 -3.82
CA PHE A 252 13.26 -5.35 -5.28
C PHE A 252 13.47 -6.72 -5.85
N GLN A 253 14.22 -7.59 -5.22
CA GLN A 253 14.38 -8.95 -5.71
C GLN A 253 13.05 -9.69 -5.66
N PHE A 254 12.25 -9.47 -4.60
CA PHE A 254 10.93 -10.11 -4.51
C PHE A 254 10.09 -9.68 -5.66
N MET A 255 10.15 -8.43 -6.10
CA MET A 255 9.38 -8.07 -7.25
C MET A 255 9.81 -8.74 -8.51
N SER A 256 11.14 -8.93 -8.68
CA SER A 256 11.69 -9.67 -9.82
CA SER A 256 11.59 -9.61 -9.87
CA SER A 256 11.67 -9.65 -9.85
C SER A 256 11.30 -11.12 -9.79
N ASP A 257 11.38 -11.78 -8.65
CA ASP A 257 11.04 -13.13 -8.52
C ASP A 257 9.56 -13.41 -8.78
N ASN A 258 8.74 -12.36 -8.67
CA ASN A 258 7.30 -12.40 -8.89
C ASN A 258 6.88 -11.51 -10.04
N SER A 259 7.80 -11.40 -11.03
CA SER A 259 7.57 -10.39 -12.07
C SER A 259 6.38 -10.76 -13.03
N ASP A 260 5.95 -12.03 -13.00
CA ASP A 260 4.77 -12.36 -13.77
C ASP A 260 3.53 -11.63 -13.25
N ILE A 261 3.48 -11.33 -11.93
CA ILE A 261 2.30 -10.75 -11.32
C ILE A 261 2.49 -9.36 -10.72
N VAL A 262 3.68 -8.97 -10.31
CA VAL A 262 3.81 -7.68 -9.64
C VAL A 262 3.61 -6.56 -10.60
N LYS A 263 2.66 -5.67 -10.37
CA LYS A 263 2.35 -4.61 -11.28
CA LYS A 263 2.47 -4.55 -11.27
C LYS A 263 2.32 -3.25 -10.53
N GLY A 264 2.57 -3.23 -9.19
CA GLY A 264 2.57 -1.94 -8.49
C GLY A 264 3.12 -2.13 -7.11
N PHE A 265 3.68 -1.03 -6.58
CA PHE A 265 3.98 -0.98 -5.15
C PHE A 265 3.72 0.39 -4.61
N THR A 266 3.48 0.47 -3.30
CA THR A 266 3.49 1.71 -2.57
C THR A 266 4.58 1.60 -1.52
N TYR A 267 5.55 2.51 -1.60
CA TYR A 267 6.60 2.59 -0.64
C TYR A 267 6.20 3.69 0.37
N ILE A 268 6.13 3.36 1.65
CA ILE A 268 5.76 4.33 2.68
C ILE A 268 7.04 4.99 3.14
N ASN A 269 7.18 6.26 2.87
CA ASN A 269 8.42 7.04 3.05
C ASN A 269 8.15 8.05 4.12
N ALA A 270 8.48 7.78 5.38
CA ALA A 270 8.04 8.63 6.48
C ALA A 270 8.92 8.47 7.66
N ASP A 271 8.96 9.53 8.49
CA ASP A 271 9.54 9.37 9.82
C ASP A 271 8.41 8.91 10.74
N TRP A 272 8.21 7.57 10.79
CA TRP A 272 7.14 6.98 11.57
C TRP A 272 7.22 7.42 13.01
N ASP A 273 8.46 7.55 13.52
CA ASP A 273 8.64 7.93 14.96
C ASP A 273 8.13 9.24 15.25
N SER A 274 7.85 10.12 14.30
CA SER A 274 7.31 11.45 14.55
C SER A 274 5.86 11.49 14.58
N GLN A 275 5.15 10.37 14.33
CA GLN A 275 3.74 10.32 14.21
C GLN A 275 3.22 9.58 15.45
N TRP A 276 2.30 10.17 16.21
CA TRP A 276 2.12 9.67 17.57
C TRP A 276 1.65 8.27 17.66
N ARG A 277 0.85 7.72 16.73
CA ARG A 277 0.49 6.37 16.82
CA ARG A 277 0.49 6.27 16.86
C ARG A 277 1.67 5.40 16.81
N TRP A 278 2.71 5.76 16.05
CA TRP A 278 3.87 4.94 15.79
C TRP A 278 5.07 5.37 16.63
N ALA A 279 4.85 6.27 17.55
CA ALA A 279 5.97 6.95 18.29
C ALA A 279 6.18 6.28 19.63
N ALA A 280 7.33 6.66 20.21
CA ALA A 280 7.69 6.19 21.55
C ALA A 280 6.59 6.61 22.53
N PRO A 281 6.30 5.77 23.53
CA PRO A 281 7.03 4.54 23.89
C PRO A 281 6.47 3.29 23.21
N TYR A 282 5.76 3.49 22.06
CA TYR A 282 5.42 2.42 21.10
C TYR A 282 4.27 1.59 21.64
N ASN A 283 3.12 2.12 21.61
CA ASN A 283 1.91 1.41 22.02
C ASN A 283 1.35 0.53 20.91
N GLU A 284 1.72 0.75 19.66
CA GLU A 284 1.22 0.02 18.50
C GLU A 284 2.39 -0.42 17.63
N GLY A 285 3.42 -0.94 18.25
CA GLY A 285 4.57 -1.50 17.54
C GLY A 285 5.64 -0.47 17.20
N TYR A 286 6.78 -1.01 16.85
CA TYR A 286 7.95 -0.24 16.46
C TYR A 286 8.07 -0.20 14.92
N TRP A 287 8.24 1.00 14.36
CA TRP A 287 8.17 1.17 12.91
C TRP A 287 9.47 1.71 12.35
N GLY A 288 9.92 2.87 12.85
CA GLY A 288 11.27 3.42 12.50
C GLY A 288 11.21 4.66 11.69
N ASP A 289 12.10 4.74 10.73
CA ASP A 289 12.21 5.91 9.85
C ASP A 289 12.55 5.36 8.49
N SER A 290 11.68 5.51 7.51
CA SER A 290 11.82 4.92 6.21
C SER A 290 12.14 5.94 5.15
N ARG A 291 12.46 7.17 5.48
CA ARG A 291 12.70 8.21 4.52
C ARG A 291 13.96 7.96 3.71
N VAL A 292 13.81 7.64 2.41
CA VAL A 292 15.06 7.38 1.64
C VAL A 292 15.93 8.59 1.56
N GLN A 293 15.38 9.75 1.63
CA GLN A 293 16.18 10.99 1.52
C GLN A 293 17.00 11.21 2.77
N ALA A 294 16.84 10.47 3.84
CA ALA A 294 17.59 10.72 5.09
C ALA A 294 18.95 10.05 5.05
N ASN A 295 19.34 9.40 4.01
CA ASN A 295 20.73 8.88 3.87
C ASN A 295 21.08 9.00 2.44
N ALA A 296 22.31 9.53 2.17
CA ALA A 296 22.67 9.73 0.72
C ALA A 296 22.81 8.50 -0.05
N LEU A 297 23.34 7.43 0.54
CA LEU A 297 23.48 6.20 -0.21
C LEU A 297 22.12 5.57 -0.52
N ILE A 298 21.27 5.52 0.53
CA ILE A 298 19.88 4.95 0.32
C ILE A 298 19.15 5.78 -0.74
N LYS A 299 19.24 7.08 -0.63
CA LYS A 299 18.51 7.93 -1.62
C LYS A 299 19.01 7.65 -3.04
N SER A 300 20.34 7.62 -3.20
CA SER A 300 20.94 7.33 -4.57
CA SER A 300 20.83 7.41 -4.61
CA SER A 300 20.98 7.29 -4.58
C SER A 300 20.56 5.98 -5.09
N ASN A 301 20.69 4.96 -4.21
CA ASN A 301 20.34 3.67 -4.66
C ASN A 301 18.85 3.51 -5.00
N TRP A 302 18.01 4.18 -4.21
CA TRP A 302 16.59 4.18 -4.47
C TRP A 302 16.29 4.77 -5.81
N GLN A 303 16.80 5.99 -6.03
CA GLN A 303 16.55 6.71 -7.35
C GLN A 303 17.11 5.86 -8.50
N GLN A 304 18.24 5.26 -8.32
CA GLN A 304 18.87 4.44 -9.42
CA GLN A 304 18.78 4.56 -9.49
C GLN A 304 18.01 3.27 -9.74
N GLU A 305 17.48 2.59 -8.70
CA GLU A 305 16.60 1.43 -8.95
C GLU A 305 15.33 1.84 -9.66
N ILE A 306 14.59 2.77 -9.10
CA ILE A 306 13.25 2.99 -9.61
C ILE A 306 13.24 3.75 -10.97
N ALA A 307 14.39 4.30 -11.36
CA ALA A 307 14.48 4.92 -12.73
C ALA A 307 14.54 3.77 -13.74
N LYS A 308 14.87 2.54 -13.41
CA LYS A 308 14.97 1.46 -14.44
C LYS A 308 13.70 1.20 -15.18
N GLY A 309 13.77 0.64 -16.42
CA GLY A 309 12.66 0.69 -17.28
C GLY A 309 11.53 -0.32 -16.97
N GLN A 310 11.76 -1.22 -16.05
CA GLN A 310 10.60 -2.05 -15.61
C GLN A 310 9.65 -1.27 -14.72
N TYR A 311 10.01 -0.10 -14.24
CA TYR A 311 9.17 0.73 -13.33
C TYR A 311 8.41 1.74 -14.08
N ILE A 312 7.18 2.05 -13.70
CA ILE A 312 6.36 3.05 -14.32
C ILE A 312 6.38 4.25 -13.37
N ASN A 313 7.10 5.33 -13.84
CA ASN A 313 7.21 6.60 -13.15
C ASN A 313 6.34 7.62 -13.82
N HIS A 314 6.30 8.81 -13.30
CA HIS A 314 5.41 9.86 -13.79
C HIS A 314 5.91 10.38 -15.13
N SER A 315 4.97 10.51 -16.05
CA SER A 315 5.24 11.21 -17.39
C SER A 315 3.87 11.45 -17.95
N GLU A 316 3.87 12.13 -19.12
CA GLU A 316 2.57 12.54 -19.74
CA GLU A 316 2.65 12.54 -19.82
C GLU A 316 1.81 11.35 -20.26
N THR A 317 2.45 10.22 -20.40
CA THR A 317 1.83 8.99 -20.87
C THR A 317 1.32 7.95 -19.75
N LEU A 318 1.56 8.41 -18.49
CA LEU A 318 1.26 7.54 -17.31
C LEU A 318 -0.15 7.01 -17.38
N PHE A 319 -1.17 7.88 -17.59
CA PHE A 319 -2.51 7.33 -17.51
C PHE A 319 -2.82 6.32 -18.61
N GLU A 320 -2.32 6.62 -19.81
CA GLU A 320 -2.40 5.64 -20.87
C GLU A 320 -1.74 4.27 -20.55
N THR A 321 -0.53 4.30 -19.96
CA THR A 321 0.22 3.14 -19.59
C THR A 321 -0.63 2.31 -18.57
N LEU A 322 -1.30 3.04 -17.62
CA LEU A 322 -2.10 2.33 -16.59
C LEU A 322 -3.43 1.85 -17.11
N GLY A 323 -3.78 2.10 -18.38
CA GLY A 323 -5.10 1.64 -18.85
C GLY A 323 -6.23 2.65 -18.65
N TYR A 324 -5.93 3.94 -18.50
CA TYR A 324 -6.91 5.01 -18.43
C TYR A 324 -6.72 5.83 -19.75
#